data_6QRN
#
_entry.id   6QRN
#
_cell.length_a   49.139
_cell.length_b   49.139
_cell.length_c   261.025
_cell.angle_alpha   90.00
_cell.angle_beta   90.00
_cell.angle_gamma   120.00
#
_symmetry.space_group_name_H-M   'P 65 2 2'
#
loop_
_entity.id
_entity.type
_entity.pdbx_description
1 polymer Galectin-10
2 non-polymer beta-D-ribopyranose
3 water water
#
_entity_poly.entity_id   1
_entity_poly.type   'polypeptide(L)'
_entity_poly.pdbx_seq_one_letter_code
;GHMSLLPVPYTEAASLSTGSTVTIKGRPLACFLNEPYLQVDFHTEMKEESDIVFHFQVCFGRRVVMNSREYGAWKQQVES
KNMPFQDGQEFELSISVLPDKYQVMVNGQSSYTFDHRIKPEAVKMVQVWRDISLTKFNVSYLKR
;
_entity_poly.pdbx_strand_id   A
#
loop_
_chem_comp.id
_chem_comp.type
_chem_comp.name
_chem_comp.formula
RIP D-saccharide, beta linking beta-D-ribopyranose 'C5 H10 O5'
#
# COMPACT_ATOMS: atom_id res chain seq x y z
N LEU A 5 1.82 18.36 5.95
CA LEU A 5 1.98 17.38 4.89
C LEU A 5 3.37 16.71 4.91
N LEU A 6 3.39 15.39 4.68
CA LEU A 6 4.61 14.59 4.61
C LEU A 6 5.09 14.67 3.15
N PRO A 7 6.38 14.59 2.82
CA PRO A 7 6.77 14.71 1.40
C PRO A 7 6.35 13.51 0.57
N VAL A 8 5.85 13.72 -0.67
CA VAL A 8 5.47 12.63 -1.57
C VAL A 8 6.32 12.79 -2.83
N PRO A 9 7.00 11.72 -3.34
CA PRO A 9 7.11 10.34 -2.82
C PRO A 9 7.62 10.27 -1.39
N TYR A 10 6.98 9.39 -0.60
CA TYR A 10 7.33 9.20 0.79
C TYR A 10 7.99 7.85 0.96
N THR A 11 9.17 7.80 1.58
CA THR A 11 9.89 6.57 1.82
C THR A 11 10.20 6.43 3.29
N GLU A 12 9.91 5.24 3.85
CA GLU A 12 10.30 4.98 5.24
C GLU A 12 10.89 3.57 5.35
N ALA A 13 12.09 3.45 5.98
CA ALA A 13 12.64 2.12 6.29
C ALA A 13 11.60 1.42 7.17
N ALA A 14 11.38 0.11 6.96
CA ALA A 14 10.32 -0.58 7.70
C ALA A 14 10.60 -2.03 7.86
N SER A 15 10.00 -2.67 8.87
CA SER A 15 10.01 -4.10 9.04
C SER A 15 8.57 -4.48 9.30
N LEU A 16 8.17 -5.66 8.79
CA LEU A 16 6.81 -6.17 8.93
C LEU A 16 6.82 -7.62 9.34
N SER A 17 5.81 -8.01 10.09
CA SER A 17 5.59 -9.41 10.44
C SER A 17 4.12 -9.56 10.76
N THR A 18 3.65 -10.80 11.03
CA THR A 18 2.25 -10.97 11.38
C THR A 18 1.87 -10.06 12.54
N GLY A 19 0.79 -9.30 12.35
CA GLY A 19 0.32 -8.37 13.37
C GLY A 19 0.69 -6.94 13.09
N SER A 20 1.62 -6.68 12.13
CA SER A 20 1.98 -5.31 11.77
C SER A 20 0.85 -4.65 11.02
N THR A 21 0.70 -3.34 11.21
CA THR A 21 -0.31 -2.58 10.50
C THR A 21 0.37 -1.32 9.92
N VAL A 22 0.12 -1.02 8.64
CA VAL A 22 0.61 0.19 8.00
C VAL A 22 -0.60 1.13 7.81
N THR A 23 -0.58 2.33 8.41
CA THR A 23 -1.72 3.26 8.34
C THR A 23 -1.30 4.46 7.53
N ILE A 24 -2.11 4.84 6.53
CA ILE A 24 -1.81 5.95 5.64
C ILE A 24 -3.05 6.83 5.54
N LYS A 25 -2.91 8.12 5.78
N LYS A 25 -2.90 8.13 5.80
CA LYS A 25 -4.01 9.06 5.63
CA LYS A 25 -4.01 9.07 5.63
C LYS A 25 -3.57 10.09 4.59
C LYS A 25 -3.57 10.09 4.59
N GLY A 26 -4.40 10.31 3.58
CA GLY A 26 -4.05 11.25 2.52
C GLY A 26 -5.23 11.63 1.69
N ARG A 27 -5.00 12.36 0.60
CA ARG A 27 -6.06 12.81 -0.28
C ARG A 27 -5.55 12.82 -1.71
N PRO A 28 -6.39 12.46 -2.69
CA PRO A 28 -5.94 12.57 -4.09
C PRO A 28 -5.73 14.03 -4.47
N LEU A 29 -4.78 14.26 -5.40
CA LEU A 29 -4.46 15.62 -5.84
C LEU A 29 -5.32 16.06 -7.00
N ALA A 30 -6.22 15.20 -7.48
CA ALA A 30 -7.09 15.58 -8.59
C ALA A 30 -8.48 14.94 -8.41
N CYS A 31 -9.49 15.51 -9.07
CA CYS A 31 -10.82 14.91 -9.14
C CYS A 31 -10.71 13.55 -9.86
N PHE A 32 -11.66 12.64 -9.60
CA PHE A 32 -11.62 11.32 -10.21
C PHE A 32 -11.72 11.35 -11.73
N LEU A 33 -12.41 12.34 -12.30
CA LEU A 33 -12.46 12.45 -13.75
C LEU A 33 -11.07 12.48 -14.36
N ASN A 34 -10.10 13.05 -13.64
CA ASN A 34 -8.72 13.15 -14.11
C ASN A 34 -7.87 11.92 -13.81
N GLU A 35 -8.46 10.88 -13.16
CA GLU A 35 -7.76 9.61 -12.94
C GLU A 35 -6.42 9.76 -12.21
N PRO A 36 -6.42 10.39 -11.01
CA PRO A 36 -5.20 10.39 -10.21
C PRO A 36 -4.89 8.95 -9.77
N TYR A 37 -3.61 8.67 -9.47
N TYR A 37 -3.61 8.66 -9.49
CA TYR A 37 -3.19 7.37 -8.98
CA TYR A 37 -3.23 7.34 -9.02
C TYR A 37 -2.70 7.45 -7.56
C TYR A 37 -2.65 7.43 -7.62
N LEU A 38 -2.63 6.29 -6.91
CA LEU A 38 -2.02 6.14 -5.59
C LEU A 38 -1.22 4.86 -5.70
N GLN A 39 0.03 4.83 -5.19
CA GLN A 39 0.78 3.58 -5.18
C GLN A 39 1.48 3.38 -3.85
N VAL A 40 1.32 2.17 -3.28
CA VAL A 40 2.03 1.76 -2.07
C VAL A 40 2.84 0.51 -2.42
N ASP A 41 4.17 0.55 -2.21
CA ASP A 41 5.03 -0.58 -2.50
C ASP A 41 5.79 -0.98 -1.25
N PHE A 42 5.79 -2.29 -0.93
CA PHE A 42 6.60 -2.79 0.18
C PHE A 42 7.83 -3.43 -0.49
N HIS A 43 9.02 -2.82 -0.31
CA HIS A 43 10.26 -3.21 -1.00
C HIS A 43 11.17 -4.07 -0.15
N THR A 44 12.00 -4.87 -0.81
CA THR A 44 12.96 -5.73 -0.12
C THR A 44 14.24 -5.01 0.26
N GLU A 45 14.51 -3.82 -0.28
CA GLU A 45 15.70 -3.03 0.06
C GLU A 45 15.31 -1.56 0.00
N MET A 46 16.17 -0.68 0.53
CA MET A 46 15.92 0.75 0.49
C MET A 46 15.95 1.30 -0.94
N LYS A 47 16.61 0.60 -1.87
CA LYS A 47 16.72 1.07 -3.25
C LYS A 47 15.35 1.00 -3.92
N GLU A 48 14.99 2.05 -4.69
CA GLU A 48 13.67 2.08 -5.33
C GLU A 48 13.52 0.99 -6.41
N GLU A 49 14.65 0.49 -6.96
CA GLU A 49 14.58 -0.52 -8.00
C GLU A 49 14.57 -1.92 -7.42
N SER A 50 14.55 -2.04 -6.07
CA SER A 50 14.52 -3.35 -5.45
C SER A 50 13.19 -4.05 -5.66
N ASP A 51 13.17 -5.34 -5.35
CA ASP A 51 11.97 -6.14 -5.47
C ASP A 51 10.86 -5.65 -4.58
N ILE A 52 9.62 -5.96 -5.01
CA ILE A 52 8.42 -5.52 -4.32
C ILE A 52 7.63 -6.72 -3.88
N VAL A 53 7.48 -6.91 -2.55
CA VAL A 53 6.73 -8.01 -2.01
C VAL A 53 5.21 -7.78 -2.20
N PHE A 54 4.79 -6.49 -2.14
CA PHE A 54 3.39 -6.15 -2.29
C PHE A 54 3.33 -4.78 -2.94
N HIS A 55 2.74 -4.72 -4.15
CA HIS A 55 2.52 -3.53 -4.97
C HIS A 55 1.02 -3.30 -4.98
N PHE A 56 0.57 -2.10 -4.56
CA PHE A 56 -0.85 -1.77 -4.49
C PHE A 56 -1.04 -0.45 -5.25
N GLN A 57 -1.77 -0.49 -6.39
CA GLN A 57 -1.87 0.69 -7.23
C GLN A 57 -3.31 1.00 -7.50
N VAL A 58 -3.77 2.17 -7.06
CA VAL A 58 -5.15 2.58 -7.29
C VAL A 58 -5.18 3.55 -8.45
N CYS A 59 -6.10 3.36 -9.41
CA CYS A 59 -6.44 4.39 -10.38
C CYS A 59 -7.81 4.86 -9.88
N PHE A 60 -7.81 5.96 -9.12
CA PHE A 60 -9.04 6.39 -8.45
C PHE A 60 -10.22 6.52 -9.38
N GLY A 61 -11.31 5.86 -8.98
CA GLY A 61 -12.55 5.87 -9.76
C GLY A 61 -12.63 4.75 -10.78
N ARG A 62 -11.50 4.05 -11.03
CA ARG A 62 -11.45 3.05 -12.08
C ARG A 62 -11.13 1.62 -11.61
N ARG A 63 -9.95 1.39 -11.01
N ARG A 63 -9.88 1.36 -11.17
CA ARG A 63 -9.57 0.05 -10.61
CA ARG A 63 -9.46 0.01 -10.79
C ARG A 63 -8.42 0.07 -9.65
C ARG A 63 -8.28 0.02 -9.84
N VAL A 64 -8.03 -1.12 -9.18
CA VAL A 64 -6.89 -1.34 -8.32
C VAL A 64 -6.17 -2.53 -8.89
N VAL A 65 -4.84 -2.48 -8.96
CA VAL A 65 -4.04 -3.63 -9.33
C VAL A 65 -3.08 -3.92 -8.21
N MET A 66 -2.83 -5.21 -7.96
CA MET A 66 -1.89 -5.66 -6.95
C MET A 66 -0.94 -6.65 -7.58
N ASN A 67 0.34 -6.62 -7.20
CA ASN A 67 1.29 -7.56 -7.79
C ASN A 67 2.51 -7.66 -6.90
N SER A 68 3.50 -8.42 -7.39
CA SER A 68 4.82 -8.47 -6.81
C SER A 68 5.82 -8.32 -7.93
N ARG A 69 7.05 -7.89 -7.58
CA ARG A 69 8.14 -7.78 -8.56
C ARG A 69 9.30 -8.56 -7.93
N GLU A 70 9.69 -9.66 -8.57
CA GLU A 70 10.62 -10.63 -7.99
C GLU A 70 11.78 -10.81 -8.96
N TYR A 71 13.00 -10.62 -8.44
N TYR A 71 13.00 -10.61 -8.45
CA TYR A 71 14.20 -10.71 -9.25
CA TYR A 71 14.24 -10.66 -9.23
C TYR A 71 14.09 -9.82 -10.48
C TYR A 71 14.13 -9.79 -10.46
N GLY A 72 13.52 -8.62 -10.24
CA GLY A 72 13.36 -7.57 -11.23
C GLY A 72 12.22 -7.71 -12.20
N ALA A 73 11.43 -8.78 -12.09
CA ALA A 73 10.35 -9.03 -13.05
C ALA A 73 8.97 -9.07 -12.39
N TRP A 74 8.00 -8.37 -12.99
CA TRP A 74 6.65 -8.38 -12.46
C TRP A 74 6.03 -9.77 -12.61
N LYS A 75 5.25 -10.16 -11.61
CA LYS A 75 4.58 -11.45 -11.62
C LYS A 75 3.13 -11.24 -12.15
N GLN A 76 2.19 -12.12 -11.81
CA GLN A 76 0.82 -12.01 -12.34
C GLN A 76 0.00 -11.06 -11.48
N GLN A 77 -0.54 -10.01 -12.08
CA GLN A 77 -1.29 -9.09 -11.25
C GLN A 77 -2.70 -9.60 -10.92
N VAL A 78 -3.24 -9.05 -9.86
CA VAL A 78 -4.62 -9.27 -9.45
C VAL A 78 -5.28 -7.91 -9.72
N GLU A 79 -6.38 -7.89 -10.45
CA GLU A 79 -7.09 -6.65 -10.76
C GLU A 79 -8.43 -6.64 -10.06
N SER A 80 -8.75 -5.53 -9.42
CA SER A 80 -10.04 -5.37 -8.77
C SER A 80 -10.76 -4.13 -9.29
N LYS A 81 -12.09 -4.20 -9.43
CA LYS A 81 -12.87 -3.01 -9.73
C LYS A 81 -13.55 -2.44 -8.49
N ASN A 82 -13.25 -3.03 -7.30
CA ASN A 82 -13.82 -2.49 -6.05
C ASN A 82 -13.26 -1.10 -5.84
N MET A 83 -14.14 -0.14 -5.51
CA MET A 83 -13.74 1.27 -5.43
C MET A 83 -14.43 1.98 -4.25
N PRO A 84 -13.95 1.74 -3.05
CA PRO A 84 -14.55 2.41 -1.88
C PRO A 84 -14.11 3.87 -1.77
N PHE A 85 -13.02 4.27 -2.43
CA PHE A 85 -12.54 5.65 -2.37
C PHE A 85 -13.59 6.56 -2.97
N GLN A 86 -13.78 7.73 -2.33
CA GLN A 86 -14.80 8.69 -2.74
C GLN A 86 -14.18 9.93 -3.36
N ASP A 87 -14.79 10.39 -4.48
CA ASP A 87 -14.26 11.54 -5.23
C ASP A 87 -14.10 12.78 -4.36
N GLY A 88 -12.90 13.37 -4.40
CA GLY A 88 -12.57 14.60 -3.68
C GLY A 88 -12.37 14.47 -2.19
N GLN A 89 -12.32 13.24 -1.68
CA GLN A 89 -12.26 13.06 -0.24
C GLN A 89 -10.93 12.58 0.28
N GLU A 90 -10.65 12.90 1.55
CA GLU A 90 -9.52 12.32 2.29
C GLU A 90 -9.85 10.82 2.49
N PHE A 91 -8.83 9.96 2.51
CA PHE A 91 -9.02 8.55 2.77
C PHE A 91 -8.08 8.11 3.89
N GLU A 92 -8.43 7.01 4.56
CA GLU A 92 -7.58 6.38 5.54
C GLU A 92 -7.42 4.95 5.07
N LEU A 93 -6.20 4.53 4.80
N LEU A 93 -6.16 4.54 4.86
CA LEU A 93 -5.90 3.20 4.29
CA LEU A 93 -5.82 3.18 4.48
C LEU A 93 -5.14 2.42 5.41
C LEU A 93 -5.22 2.49 5.66
N SER A 94 -5.72 1.27 5.96
N SER A 94 -5.43 1.20 5.70
CA SER A 94 -5.11 0.45 7.03
CA SER A 94 -4.72 0.39 6.66
C SER A 94 -4.73 -0.93 6.47
C SER A 94 -4.39 -0.88 5.92
N ILE A 95 -3.42 -1.23 6.32
N ILE A 95 -3.14 -1.31 5.99
CA ILE A 95 -2.94 -2.48 5.75
CA ILE A 95 -2.70 -2.54 5.37
C ILE A 95 -2.46 -3.40 6.86
C ILE A 95 -2.18 -3.37 6.51
N SER A 96 -3.15 -4.55 7.03
N SER A 96 -2.94 -4.38 6.93
CA SER A 96 -2.77 -5.48 8.08
CA SER A 96 -2.51 -5.24 8.02
C SER A 96 -2.03 -6.67 7.53
C SER A 96 -1.92 -6.52 7.49
N VAL A 97 -0.94 -7.06 8.21
CA VAL A 97 -0.22 -8.26 7.83
C VAL A 97 -0.82 -9.42 8.60
N LEU A 98 -1.60 -10.23 7.90
CA LEU A 98 -2.20 -11.39 8.54
C LEU A 98 -1.31 -12.59 8.23
N PRO A 99 -1.50 -13.75 8.86
CA PRO A 99 -0.60 -14.87 8.57
C PRO A 99 -0.56 -15.32 7.11
N ASP A 100 -1.71 -15.25 6.41
N ASP A 100 -1.68 -15.25 6.38
CA ASP A 100 -1.90 -15.73 5.06
CA ASP A 100 -1.73 -15.72 4.99
C ASP A 100 -1.88 -14.62 3.98
C ASP A 100 -1.77 -14.61 3.95
N LYS A 101 -2.13 -13.35 4.37
N LYS A 101 -2.04 -13.34 4.34
CA LYS A 101 -2.27 -12.29 3.39
CA LYS A 101 -2.26 -12.29 3.37
C LYS A 101 -2.17 -10.91 3.98
C LYS A 101 -2.11 -10.91 3.97
N TYR A 102 -2.13 -9.89 3.09
CA TYR A 102 -2.28 -8.53 3.51
C TYR A 102 -3.77 -8.26 3.35
N GLN A 103 -4.36 -7.52 4.32
CA GLN A 103 -5.74 -7.08 4.24
C GLN A 103 -5.72 -5.56 4.20
N VAL A 104 -6.38 -4.98 3.19
CA VAL A 104 -6.43 -3.55 3.02
C VAL A 104 -7.80 -3.03 3.43
N MET A 105 -7.83 -2.14 4.42
N MET A 105 -7.86 -2.11 4.40
CA MET A 105 -9.06 -1.48 4.86
CA MET A 105 -9.10 -1.49 4.84
C MET A 105 -9.04 -0.08 4.26
C MET A 105 -9.11 -0.03 4.40
N VAL A 106 -10.19 0.41 3.75
CA VAL A 106 -10.31 1.77 3.22
C VAL A 106 -11.43 2.43 4.01
N ASN A 107 -11.11 3.47 4.76
CA ASN A 107 -12.08 4.17 5.61
C ASN A 107 -12.82 3.19 6.53
N GLY A 108 -12.07 2.23 7.06
CA GLY A 108 -12.57 1.23 8.00
C GLY A 108 -13.28 0.03 7.41
N GLN A 109 -13.36 -0.07 6.06
CA GLN A 109 -14.07 -1.15 5.40
C GLN A 109 -13.06 -2.09 4.74
N SER A 110 -13.21 -3.40 4.96
CA SER A 110 -12.34 -4.35 4.29
C SER A 110 -12.61 -4.28 2.79
N SER A 111 -11.52 -4.04 2.00
CA SER A 111 -11.69 -3.73 0.59
C SER A 111 -10.86 -4.57 -0.36
N TYR A 112 -9.69 -5.09 0.08
CA TYR A 112 -8.85 -5.92 -0.79
C TYR A 112 -8.04 -6.84 0.09
N THR A 113 -7.71 -8.03 -0.40
CA THR A 113 -6.72 -8.88 0.24
C THR A 113 -5.74 -9.42 -0.80
N PHE A 114 -4.50 -9.77 -0.39
CA PHE A 114 -3.48 -10.28 -1.31
C PHE A 114 -2.67 -11.31 -0.56
N ASP A 115 -2.70 -12.55 -1.02
CA ASP A 115 -1.98 -13.62 -0.33
C ASP A 115 -0.48 -13.41 -0.42
N HIS A 116 0.23 -13.77 0.66
CA HIS A 116 1.68 -13.59 0.65
C HIS A 116 2.35 -14.41 -0.45
N ARG A 117 3.24 -13.77 -1.22
CA ARG A 117 4.03 -14.48 -2.24
C ARG A 117 5.44 -14.64 -1.73
N ILE A 118 5.88 -13.68 -0.91
CA ILE A 118 7.21 -13.62 -0.28
C ILE A 118 6.92 -13.36 1.19
N LYS A 119 7.72 -13.92 2.11
CA LYS A 119 7.50 -13.65 3.52
C LYS A 119 7.53 -12.13 3.80
N PRO A 120 6.63 -11.61 4.65
CA PRO A 120 6.69 -10.16 4.97
C PRO A 120 7.99 -9.74 5.63
N GLU A 121 8.74 -10.67 6.26
CA GLU A 121 10.01 -10.36 6.88
C GLU A 121 11.05 -9.92 5.86
N ALA A 122 10.78 -10.12 4.56
CA ALA A 122 11.73 -9.69 3.54
C ALA A 122 11.60 -8.16 3.32
N VAL A 123 10.53 -7.50 3.81
CA VAL A 123 10.38 -6.06 3.59
C VAL A 123 11.40 -5.24 4.41
N LYS A 124 12.02 -4.22 3.75
N LYS A 124 12.05 -4.25 3.73
CA LYS A 124 12.94 -3.31 4.44
CA LYS A 124 12.98 -3.35 4.39
C LYS A 124 12.48 -1.87 4.22
C LYS A 124 12.57 -1.88 4.18
N MET A 125 11.49 -1.63 3.35
N MET A 125 11.52 -1.63 3.37
CA MET A 125 11.15 -0.24 3.02
CA MET A 125 11.14 -0.25 3.06
C MET A 125 9.74 -0.18 2.49
C MET A 125 9.73 -0.19 2.53
N VAL A 126 9.02 0.93 2.78
CA VAL A 126 7.69 1.16 2.23
C VAL A 126 7.76 2.51 1.52
N GLN A 127 7.21 2.55 0.29
N GLN A 127 7.26 2.57 0.25
CA GLN A 127 7.13 3.79 -0.46
CA GLN A 127 7.20 3.82 -0.51
C GLN A 127 5.65 4.08 -0.75
C GLN A 127 5.73 4.12 -0.90
N VAL A 128 5.26 5.37 -0.62
CA VAL A 128 3.90 5.81 -0.93
C VAL A 128 4.05 6.94 -1.92
N TRP A 129 3.48 6.81 -3.13
CA TRP A 129 3.75 7.82 -4.12
C TRP A 129 2.63 7.91 -5.11
N ARG A 130 2.83 8.76 -6.14
CA ARG A 130 1.84 9.12 -7.14
C ARG A 130 0.98 10.29 -6.66
N ASP A 131 -0.24 10.41 -7.17
CA ASP A 131 -1.00 11.65 -7.09
C ASP A 131 -1.80 11.89 -5.84
N ILE A 132 -1.10 11.90 -4.70
N ILE A 132 -1.09 11.89 -4.70
CA ILE A 132 -1.74 12.12 -3.41
CA ILE A 132 -1.74 12.16 -3.42
C ILE A 132 -0.88 12.99 -2.50
C ILE A 132 -0.90 13.13 -2.58
N SER A 133 -1.53 13.71 -1.55
CA SER A 133 -0.86 14.41 -0.50
C SER A 133 -1.07 13.47 0.71
N LEU A 134 -0.14 13.52 1.66
CA LEU A 134 -0.23 12.65 2.84
C LEU A 134 -0.19 13.47 4.09
N THR A 135 -1.01 13.07 5.06
CA THR A 135 -0.95 13.73 6.36
C THR A 135 -0.46 12.79 7.46
N LYS A 136 -0.58 11.45 7.27
N LYS A 136 -0.59 11.46 7.26
CA LYS A 136 -0.12 10.51 8.29
CA LYS A 136 -0.16 10.49 8.28
C LYS A 136 0.41 9.24 7.65
C LYS A 136 0.39 9.23 7.67
N PHE A 137 1.47 8.69 8.27
CA PHE A 137 2.04 7.43 7.87
C PHE A 137 2.57 6.77 9.12
N ASN A 138 2.17 5.52 9.39
CA ASN A 138 2.69 4.80 10.53
C ASN A 138 2.81 3.32 10.23
N VAL A 139 3.87 2.68 10.73
CA VAL A 139 4.04 1.23 10.75
C VAL A 139 4.04 0.89 12.21
N SER A 140 3.19 -0.05 12.65
CA SER A 140 3.19 -0.43 14.04
C SER A 140 4.31 -1.44 14.33
N TYR A 141 4.83 -1.38 15.56
CA TYR A 141 5.94 -2.23 16.01
C TYR A 141 5.67 -2.75 17.42
N LEU A 142 4.42 -3.13 17.70
CA LEU A 142 4.07 -3.53 19.08
C LEU A 142 4.17 -5.03 19.42
N LYS A 143 4.25 -5.88 18.40
N LYS A 143 4.25 -5.88 18.39
CA LYS A 143 4.27 -7.32 18.65
CA LYS A 143 4.28 -7.33 18.58
C LYS A 143 5.63 -7.97 18.48
C LYS A 143 5.66 -7.96 18.49
N ARG A 144 5.84 -9.10 19.20
CA ARG A 144 7.07 -9.91 19.15
C ARG A 144 7.18 -10.54 17.75
C1 RIP B . 1.32 -4.29 -12.98
C2 RIP B . 2.33 -3.23 -12.57
C3 RIP B . 3.17 -2.80 -13.77
C4 RIP B . 3.75 -4.00 -14.50
C5 RIP B . 2.68 -5.02 -14.80
O1 RIP B . 0.63 -4.76 -11.89
O2 RIP B . 1.63 -2.09 -12.06
O3 RIP B . 2.38 -2.04 -14.67
O4 RIP B . 4.38 -3.60 -15.73
O5 RIP B . 1.99 -5.39 -13.60
#